data_4AZ7
#
_entry.id   4AZ7
#
_cell.length_a   78.500
_cell.length_b   109.800
_cell.length_c   112.500
_cell.angle_alpha   90.00
_cell.angle_beta   90.00
_cell.angle_gamma   90.00
#
_symmetry.space_group_name_H-M   'I 2 2 2'
#
loop_
_entity.id
_entity.type
_entity.pdbx_description
1 polymer BETA-N-ACETYLHEXOSAMINIDASE
2 non-polymer 'N-acetylglucosaminono-1,5-lactone (Z)-oxime'
3 non-polymer 2,5,8,11,14,17-HEXAOXANONADECAN-19-OL
4 non-polymer 'MAGNESIUM ION'
5 non-polymer 1,2-ETHANEDIOL
6 water water
#
_entity_poly.entity_id   1
_entity_poly.type   'polypeptide(L)'
_entity_poly.pdbx_seq_one_letter_code
;NEKLAKKKIVSIDAGRKYFSPEQLKEIIDKAKHYGYTDLHLLVGNDGLRFMLDDMSITANGKTYASDDVKRAIEKGTNDY
YNDPNGNHLTESQMTDLINYAKDKGIGLIPTVNSPGHMDAILNAMKELGIQNPNFSYFGKKSARTVDLDNEQAVAFTKAL
IDKYAAYFAKKTEIFNIGLDEYANDATDAKGWSVLQADKYYPNEGYPVKGYEKFIAYANDLARIVKSHGLKPMAFNDGIY
YNSDTSFGSFDKDIIVSMWTGGWGGYDVASSKLLAEKGHQILNTNDAWYYVLGRNADGQGWYNLDQGLNGIKNTPITSVP
KTEGADIPIIGGMVAAWADTPSARYSPSRLFKLMRHFANANAEYFAADYESAEQALNEVPKDLNRYTAESVTAVKEAEKA
IRSLDSNLSRAQQDTIDQAIAKLQETVNNLTLT
;
_entity_poly.pdbx_strand_id   A
#
loop_
_chem_comp.id
_chem_comp.type
_chem_comp.name
_chem_comp.formula
EDO non-polymer 1,2-ETHANEDIOL 'C2 H6 O2'
LOG D-saccharide 'N-acetylglucosaminono-1,5-lactone (Z)-oxime' 'C8 H14 N2 O6'
MG non-polymer 'MAGNESIUM ION' 'Mg 2'
P15 non-polymer 2,5,8,11,14,17-HEXAOXANONADECAN-19-OL 'C13 H28 O7'
#
# COMPACT_ATOMS: atom_id res chain seq x y z
N ASN A 1 2.81 -20.83 12.14
CA ASN A 1 1.44 -20.24 11.96
C ASN A 1 1.38 -18.74 12.21
N GLU A 2 2.18 -18.24 13.15
CA GLU A 2 2.28 -16.79 13.37
C GLU A 2 2.85 -16.06 12.17
N LYS A 3 3.81 -16.69 11.49
CA LYS A 3 4.41 -16.09 10.29
C LYS A 3 3.39 -16.01 9.15
N LEU A 4 2.72 -17.12 8.87
CA LEU A 4 1.75 -17.11 7.77
C LEU A 4 0.56 -16.20 8.01
N ALA A 5 0.25 -15.92 9.27
CA ALA A 5 -0.89 -15.09 9.62
C ALA A 5 -0.62 -13.60 9.37
N LYS A 6 0.64 -13.21 9.19
N LYS A 6 0.66 -13.25 9.17
CA LYS A 6 0.93 -11.80 8.95
CA LYS A 6 1.07 -11.87 8.83
C LYS A 6 0.53 -11.37 7.54
C LYS A 6 0.43 -11.39 7.52
N LYS A 7 0.29 -10.08 7.37
CA LYS A 7 0.00 -9.53 6.03
C LYS A 7 1.30 -9.49 5.21
N LYS A 8 1.20 -9.84 3.94
CA LYS A 8 2.32 -9.65 3.01
C LYS A 8 1.76 -8.85 1.85
N ILE A 9 2.29 -7.65 1.67
CA ILE A 9 1.62 -6.68 0.83
C ILE A 9 2.57 -6.15 -0.23
N VAL A 10 2.05 -5.96 -1.44
CA VAL A 10 2.77 -5.23 -2.50
C VAL A 10 2.08 -3.89 -2.66
N SER A 11 2.87 -2.82 -2.66
CA SER A 11 2.32 -1.47 -2.83
C SER A 11 2.64 -0.94 -4.22
N ILE A 12 1.66 -0.29 -4.85
CA ILE A 12 1.79 0.24 -6.20
C ILE A 12 1.34 1.70 -6.21
N ASP A 13 2.24 2.59 -6.67
CA ASP A 13 1.95 4.01 -6.79
C ASP A 13 1.15 4.30 -8.07
N ALA A 14 -0.17 4.10 -7.98
CA ALA A 14 -1.11 4.48 -9.05
C ALA A 14 -1.74 5.85 -8.77
N GLY A 15 -1.03 6.68 -7.99
CA GLY A 15 -1.41 8.07 -7.81
C GLY A 15 -0.62 8.90 -8.80
N ARG A 16 0.69 8.71 -8.82
CA ARG A 16 1.52 9.51 -9.70
C ARG A 16 1.29 9.07 -11.17
N LYS A 17 1.06 7.78 -11.35
CA LYS A 17 1.10 7.19 -12.69
C LYS A 17 -0.13 6.35 -12.90
N TYR A 18 -0.68 6.36 -14.12
CA TYR A 18 -1.83 5.53 -14.44
C TYR A 18 -1.48 4.04 -14.55
N PHE A 19 -2.29 3.18 -13.94
CA PHE A 19 -2.25 1.72 -14.13
C PHE A 19 -3.63 1.30 -14.57
N SER A 20 -3.70 0.48 -15.62
CA SER A 20 -4.99 -0.01 -16.10
C SER A 20 -5.54 -1.15 -15.24
N PRO A 21 -6.86 -1.38 -15.29
CA PRO A 21 -7.44 -2.53 -14.61
C PRO A 21 -6.74 -3.81 -15.02
N GLU A 22 -6.44 -3.95 -16.31
CA GLU A 22 -5.72 -5.11 -16.80
C GLU A 22 -4.37 -5.28 -16.12
N GLN A 23 -3.60 -4.19 -16.04
CA GLN A 23 -2.29 -4.26 -15.37
C GLN A 23 -2.41 -4.60 -13.89
N LEU A 24 -3.38 -3.99 -13.22
CA LEU A 24 -3.59 -4.25 -11.80
C LEU A 24 -4.05 -5.68 -11.55
N LYS A 25 -4.88 -6.20 -12.44
CA LYS A 25 -5.27 -7.62 -12.34
C LYS A 25 -4.07 -8.56 -12.45
N GLU A 26 -3.13 -8.23 -13.35
CA GLU A 26 -1.94 -9.02 -13.53
C GLU A 26 -1.10 -8.98 -12.23
N ILE A 27 -1.01 -7.81 -11.59
CA ILE A 27 -0.29 -7.69 -10.32
C ILE A 27 -0.95 -8.53 -9.23
N ILE A 28 -2.27 -8.46 -9.15
CA ILE A 28 -3.03 -9.30 -8.21
C ILE A 28 -2.74 -10.78 -8.47
N ASP A 29 -2.71 -11.17 -9.74
CA ASP A 29 -2.42 -12.58 -10.07
C ASP A 29 -1.07 -13.00 -9.49
N LYS A 30 -0.06 -12.16 -9.67
CA LYS A 30 1.27 -12.51 -9.19
C LYS A 30 1.34 -12.47 -7.67
N ALA A 31 0.65 -11.50 -7.08
CA ALA A 31 0.58 -11.43 -5.62
C ALA A 31 0.01 -12.75 -5.04
N LYS A 32 -1.11 -13.19 -5.60
CA LYS A 32 -1.71 -14.47 -5.17
C LYS A 32 -0.70 -15.63 -5.36
N HIS A 33 -0.13 -15.72 -6.54
CA HIS A 33 0.83 -16.78 -6.86
C HIS A 33 1.98 -16.85 -5.89
N TYR A 34 2.57 -15.69 -5.60
CA TYR A 34 3.74 -15.64 -4.75
C TYR A 34 3.41 -15.68 -3.25
N GLY A 35 2.13 -15.71 -2.88
CA GLY A 35 1.77 -15.93 -1.47
C GLY A 35 1.52 -14.67 -0.65
N TYR A 36 1.28 -13.57 -1.36
CA TYR A 36 0.90 -12.31 -0.72
C TYR A 36 -0.54 -12.37 -0.21
N THR A 37 -0.89 -11.43 0.66
CA THR A 37 -2.28 -11.28 1.14
C THR A 37 -3.01 -10.03 0.63
N ASP A 38 -2.28 -9.00 0.21
CA ASP A 38 -2.93 -7.71 -0.10
C ASP A 38 -2.20 -6.92 -1.15
N LEU A 39 -2.97 -6.13 -1.92
CA LEU A 39 -2.45 -5.09 -2.80
C LEU A 39 -2.73 -3.74 -2.11
N HIS A 40 -1.69 -2.92 -1.95
CA HIS A 40 -1.83 -1.57 -1.41
C HIS A 40 -1.73 -0.66 -2.58
N LEU A 41 -2.87 -0.08 -2.96
CA LEU A 41 -2.94 0.70 -4.19
C LEU A 41 -3.07 2.18 -3.84
N LEU A 42 -2.00 2.97 -4.03
CA LEU A 42 -2.16 4.40 -3.84
C LEU A 42 -2.95 4.90 -5.03
N VAL A 43 -4.03 5.62 -4.77
CA VAL A 43 -4.77 6.28 -5.86
C VAL A 43 -4.69 7.80 -5.76
N GLY A 44 -4.46 8.30 -4.55
CA GLY A 44 -4.17 9.72 -4.33
C GLY A 44 -2.74 9.78 -3.82
N ASN A 45 -1.82 10.23 -4.67
CA ASN A 45 -0.41 10.37 -4.29
C ASN A 45 0.21 11.25 -5.36
N ASP A 46 0.23 12.55 -5.04
CA ASP A 46 0.52 13.65 -5.99
C ASP A 46 -0.64 13.71 -7.00
N GLY A 47 -0.68 12.80 -7.96
CA GLY A 47 -1.89 12.69 -8.80
C GLY A 47 -3.05 12.06 -8.03
N LEU A 48 -4.28 12.25 -8.52
CA LEU A 48 -5.46 11.56 -7.95
C LEU A 48 -6.14 10.84 -9.11
N ARG A 49 -6.19 9.51 -9.06
CA ARG A 49 -6.51 8.69 -10.24
C ARG A 49 -7.59 7.66 -9.91
N PHE A 50 -8.60 8.11 -9.18
CA PHE A 50 -9.76 7.26 -8.91
C PHE A 50 -10.97 8.17 -8.73
N MET A 51 -11.97 7.96 -9.58
CA MET A 51 -13.17 8.83 -9.57
C MET A 51 -14.40 8.01 -9.20
N LEU A 52 -15.11 8.43 -8.14
CA LEU A 52 -16.41 7.81 -7.82
C LEU A 52 -17.49 8.26 -8.81
N ASP A 53 -18.59 7.52 -8.90
CA ASP A 53 -19.69 7.95 -9.76
C ASP A 53 -20.31 9.27 -9.31
N ASP A 54 -20.47 9.42 -7.99
CA ASP A 54 -20.90 10.68 -7.39
C ASP A 54 -19.71 11.28 -6.64
N MET A 55 -19.15 12.37 -7.20
CA MET A 55 -18.05 13.10 -6.56
C MET A 55 -18.49 14.44 -5.96
N SER A 56 -19.80 14.65 -5.80
CA SER A 56 -20.29 15.88 -5.14
C SER A 56 -19.72 15.96 -3.73
N ILE A 57 -19.32 17.15 -3.30
CA ILE A 57 -18.66 17.33 -1.99
C ILE A 57 -19.36 18.48 -1.27
N THR A 58 -19.80 18.21 -0.05
CA THR A 58 -20.44 19.23 0.75
C THR A 58 -19.46 19.71 1.82
N ALA A 59 -19.10 20.99 1.74
CA ALA A 59 -18.15 21.62 2.65
C ALA A 59 -18.32 23.09 2.43
N ASN A 60 -17.87 23.89 3.40
CA ASN A 60 -17.84 25.35 3.27
C ASN A 60 -19.22 25.94 3.02
N GLY A 61 -20.23 25.30 3.62
CA GLY A 61 -21.62 25.76 3.54
C GLY A 61 -22.27 25.65 2.17
N LYS A 62 -21.71 24.81 1.30
N LYS A 62 -21.70 24.81 1.31
CA LYS A 62 -22.29 24.58 -0.02
CA LYS A 62 -22.21 24.60 -0.03
C LYS A 62 -22.00 23.15 -0.45
C LYS A 62 -21.98 23.15 -0.46
N THR A 63 -22.44 22.81 -1.65
CA THR A 63 -22.05 21.57 -2.27
C THR A 63 -21.36 21.94 -3.56
N TYR A 64 -20.23 21.30 -3.80
CA TYR A 64 -19.51 21.41 -5.08
C TYR A 64 -20.02 20.28 -5.94
N ALA A 65 -20.55 20.62 -7.12
CA ALA A 65 -21.24 19.66 -7.96
C ALA A 65 -20.36 18.52 -8.42
N SER A 66 -20.93 17.31 -8.54
CA SER A 66 -20.14 16.14 -8.91
C SER A 66 -19.35 16.34 -10.21
N ASP A 67 -20.00 16.87 -11.24
CA ASP A 67 -19.31 16.98 -12.52
C ASP A 67 -18.19 18.03 -12.47
N ASP A 68 -18.36 19.03 -11.61
CA ASP A 68 -17.33 20.05 -11.48
C ASP A 68 -16.16 19.48 -10.69
N VAL A 69 -16.44 18.73 -9.62
CA VAL A 69 -15.36 18.08 -8.86
C VAL A 69 -14.60 17.11 -9.77
N LYS A 70 -15.32 16.32 -10.58
CA LYS A 70 -14.64 15.42 -11.51
C LYS A 70 -13.72 16.16 -12.48
N ARG A 71 -14.24 17.22 -13.09
N ARG A 71 -14.26 17.22 -13.08
CA ARG A 71 -13.43 17.95 -14.06
CA ARG A 71 -13.51 18.02 -14.06
C ARG A 71 -12.24 18.61 -13.38
C ARG A 71 -12.27 18.63 -13.40
N ALA A 72 -12.46 19.15 -12.18
CA ALA A 72 -11.40 19.76 -11.39
C ALA A 72 -10.30 18.76 -11.04
N ILE A 73 -10.70 17.55 -10.63
CA ILE A 73 -9.69 16.52 -10.32
C ILE A 73 -8.98 16.00 -11.59
N GLU A 74 -9.72 15.70 -12.65
CA GLU A 74 -9.05 15.25 -13.89
C GLU A 74 -8.00 16.27 -14.35
N LYS A 75 -8.42 17.53 -14.35
CA LYS A 75 -7.55 18.62 -14.78
C LYS A 75 -6.35 18.76 -13.87
N GLY A 76 -6.64 18.71 -12.57
CA GLY A 76 -5.60 18.88 -11.55
C GLY A 76 -4.58 17.77 -11.60
N THR A 77 -5.05 16.55 -11.84
CA THR A 77 -4.13 15.41 -12.04
C THR A 77 -3.25 15.62 -13.28
N ASN A 78 -3.88 16.07 -14.37
CA ASN A 78 -3.12 16.28 -15.60
C ASN A 78 -2.07 17.36 -15.44
N ASP A 79 -2.36 18.37 -14.61
CA ASP A 79 -1.39 19.42 -14.38
C ASP A 79 -0.18 18.86 -13.61
N TYR A 80 -0.41 17.83 -12.79
CA TYR A 80 0.71 17.13 -12.16
C TYR A 80 1.46 16.27 -13.19
N TYR A 81 0.73 15.42 -13.90
CA TYR A 81 1.31 14.57 -14.97
C TYR A 81 0.19 14.10 -15.86
N ASN A 82 0.24 14.50 -17.14
CA ASN A 82 -0.79 14.09 -18.06
C ASN A 82 -0.36 12.80 -18.70
N ASP A 83 -0.79 11.69 -18.12
CA ASP A 83 -0.29 10.38 -18.50
C ASP A 83 -0.94 9.94 -19.81
N PRO A 84 -0.13 9.65 -20.86
CA PRO A 84 -0.78 9.24 -22.12
C PRO A 84 -1.52 7.91 -22.02
N ASN A 85 -1.21 7.12 -21.00
CA ASN A 85 -1.89 5.84 -20.80
C ASN A 85 -3.28 5.92 -20.23
N GLY A 86 -3.62 7.04 -19.60
CA GLY A 86 -4.92 7.17 -18.92
C GLY A 86 -4.87 8.18 -17.80
N ASN A 87 -6.04 8.58 -17.34
CA ASN A 87 -6.13 9.58 -16.27
C ASN A 87 -6.55 8.95 -14.92
N HIS A 88 -7.65 8.18 -14.90
CA HIS A 88 -8.15 7.61 -13.64
C HIS A 88 -8.91 6.33 -13.80
N LEU A 89 -8.94 5.53 -12.72
CA LEU A 89 -9.88 4.40 -12.66
C LEU A 89 -11.29 4.91 -12.29
N THR A 90 -12.30 4.26 -12.85
CA THR A 90 -13.69 4.61 -12.51
C THR A 90 -14.18 3.76 -11.36
N GLU A 91 -15.36 4.09 -10.85
CA GLU A 91 -15.93 3.33 -9.73
C GLU A 91 -16.23 1.89 -10.16
N SER A 92 -16.79 1.73 -11.36
CA SER A 92 -17.04 0.38 -11.86
C SER A 92 -15.74 -0.42 -11.94
N GLN A 93 -14.67 0.19 -12.40
CA GLN A 93 -13.39 -0.53 -12.52
C GLN A 93 -12.82 -0.90 -11.15
N MET A 94 -12.95 0.00 -10.19
CA MET A 94 -12.44 -0.28 -8.84
C MET A 94 -13.24 -1.38 -8.17
N THR A 95 -14.57 -1.30 -8.30
CA THR A 95 -15.41 -2.31 -7.67
C THR A 95 -15.08 -3.69 -8.23
N ASP A 96 -14.94 -3.76 -9.56
CA ASP A 96 -14.58 -5.01 -10.19
C ASP A 96 -13.18 -5.50 -9.76
N LEU A 97 -12.22 -4.55 -9.67
CA LEU A 97 -10.88 -4.88 -9.20
C LEU A 97 -10.88 -5.46 -7.78
N ILE A 98 -11.64 -4.82 -6.89
CA ILE A 98 -11.71 -5.31 -5.52
C ILE A 98 -12.35 -6.71 -5.46
N ASN A 99 -13.37 -6.91 -6.26
CA ASN A 99 -14.00 -8.23 -6.35
C ASN A 99 -13.06 -9.29 -6.92
N TYR A 100 -12.33 -8.91 -7.97
CA TYR A 100 -11.34 -9.81 -8.61
C TYR A 100 -10.28 -10.23 -7.57
N ALA A 101 -9.77 -9.26 -6.82
CA ALA A 101 -8.82 -9.57 -5.75
C ALA A 101 -9.45 -10.46 -4.68
N LYS A 102 -10.66 -10.11 -4.24
CA LYS A 102 -11.34 -10.86 -3.19
C LYS A 102 -11.50 -12.31 -3.60
N ASP A 103 -11.84 -12.53 -4.87
CA ASP A 103 -12.06 -13.91 -5.33
C ASP A 103 -10.77 -14.72 -5.35
N LYS A 104 -9.64 -14.04 -5.27
CA LYS A 104 -8.34 -14.70 -5.17
C LYS A 104 -7.78 -14.64 -3.75
N GLY A 105 -8.57 -14.16 -2.81
CA GLY A 105 -8.14 -14.10 -1.42
C GLY A 105 -7.12 -12.99 -1.19
N ILE A 106 -7.20 -11.95 -2.02
CA ILE A 106 -6.30 -10.78 -1.92
C ILE A 106 -7.12 -9.57 -1.49
N GLY A 107 -6.69 -8.89 -0.45
CA GLY A 107 -7.39 -7.67 -0.02
C GLY A 107 -6.83 -6.46 -0.76
N LEU A 108 -7.58 -5.36 -0.77
CA LEU A 108 -7.08 -4.12 -1.37
C LEU A 108 -7.10 -3.01 -0.33
N ILE A 109 -5.96 -2.32 -0.20
CA ILE A 109 -5.85 -1.21 0.74
C ILE A 109 -5.55 0.08 -0.07
N PRO A 110 -6.50 1.02 -0.12
CA PRO A 110 -6.23 2.24 -0.91
C PRO A 110 -5.47 3.29 -0.08
N THR A 111 -4.75 4.19 -0.75
CA THR A 111 -4.24 5.40 -0.11
C THR A 111 -4.80 6.58 -0.88
N VAL A 112 -5.33 7.57 -0.16
CA VAL A 112 -5.61 8.91 -0.75
C VAL A 112 -4.83 9.85 0.18
N ASN A 113 -3.68 10.32 -0.29
CA ASN A 113 -2.73 11.03 0.55
C ASN A 113 -3.11 12.47 0.82
N SER A 114 -2.89 12.88 2.07
CA SER A 114 -2.95 14.28 2.52
C SER A 114 -2.23 14.29 3.86
N PRO A 115 -1.91 15.47 4.41
CA PRO A 115 -1.98 16.81 3.82
C PRO A 115 -0.82 17.13 2.84
N GLY A 116 0.13 16.20 2.72
CA GLY A 116 1.18 16.22 1.68
C GLY A 116 0.78 15.38 0.49
N HIS A 117 1.65 15.39 -0.54
CA HIS A 117 1.46 14.57 -1.73
C HIS A 117 0.04 14.65 -2.24
N MET A 118 -0.47 15.88 -2.34
CA MET A 118 -1.87 16.08 -2.74
C MET A 118 -1.96 17.16 -3.84
N ASP A 119 -0.96 17.18 -4.70
CA ASP A 119 -0.89 18.16 -5.79
C ASP A 119 -2.22 18.28 -6.54
N ALA A 120 -2.79 17.14 -6.94
CA ALA A 120 -4.02 17.18 -7.75
C ALA A 120 -5.23 17.70 -7.00
N ILE A 121 -5.36 17.34 -5.72
CA ILE A 121 -6.46 17.84 -4.89
C ILE A 121 -6.31 19.35 -4.73
N LEU A 122 -5.08 19.84 -4.50
CA LEU A 122 -4.86 21.29 -4.36
C LEU A 122 -5.24 22.01 -5.66
N ASN A 123 -4.82 21.44 -6.79
CA ASN A 123 -5.24 21.97 -8.08
C ASN A 123 -6.76 21.98 -8.24
N ALA A 124 -7.39 20.85 -7.90
CA ALA A 124 -8.83 20.72 -8.05
C ALA A 124 -9.53 21.76 -7.18
N MET A 125 -9.06 21.97 -5.94
CA MET A 125 -9.68 23.00 -5.09
C MET A 125 -9.61 24.39 -5.74
N LYS A 126 -8.46 24.72 -6.33
CA LYS A 126 -8.35 26.00 -7.04
C LYS A 126 -9.27 26.11 -8.24
N GLU A 127 -9.43 25.01 -8.98
CA GLU A 127 -10.36 24.98 -10.13
C GLU A 127 -11.81 25.17 -9.65
N LEU A 128 -12.15 24.67 -8.45
CA LEU A 128 -13.48 24.90 -7.89
C LEU A 128 -13.66 26.33 -7.41
N GLY A 129 -12.53 27.01 -7.15
CA GLY A 129 -12.56 28.41 -6.74
C GLY A 129 -12.11 28.67 -5.32
N ILE A 130 -11.70 27.62 -4.60
CA ILE A 130 -11.20 27.77 -3.22
C ILE A 130 -9.87 28.51 -3.28
N GLN A 131 -9.68 29.51 -2.43
N GLN A 131 -9.68 29.50 -2.41
CA GLN A 131 -8.48 30.35 -2.52
CA GLN A 131 -8.50 30.38 -2.50
C GLN A 131 -7.32 29.82 -1.71
C GLN A 131 -7.32 29.86 -1.70
N ASN A 132 -6.11 30.05 -2.23
CA ASN A 132 -4.85 29.79 -1.53
C ASN A 132 -4.78 28.52 -0.71
N PRO A 133 -5.13 27.36 -1.29
CA PRO A 133 -5.09 26.16 -0.45
C PRO A 133 -3.67 25.71 -0.06
N ASN A 134 -2.66 26.11 -0.84
CA ASN A 134 -1.29 25.60 -0.69
C ASN A 134 -0.57 26.19 0.51
N PHE A 135 0.15 25.34 1.23
CA PHE A 135 1.10 25.82 2.25
C PHE A 135 2.27 26.54 1.59
N SER A 136 2.75 27.62 2.22
CA SER A 136 3.94 28.35 1.78
C SER A 136 4.94 28.49 2.91
N TYR A 137 6.22 28.49 2.56
CA TYR A 137 7.27 28.64 3.57
C TYR A 137 8.21 29.77 3.16
N PHE A 138 8.11 30.88 3.88
CA PHE A 138 8.88 32.08 3.57
C PHE A 138 8.90 32.41 2.08
N GLY A 139 7.70 32.50 1.49
CA GLY A 139 7.54 32.81 0.07
C GLY A 139 7.68 31.68 -0.93
N LYS A 140 8.03 30.47 -0.47
CA LYS A 140 8.13 29.32 -1.36
C LYS A 140 6.84 28.50 -1.20
N LYS A 141 6.05 28.38 -2.27
CA LYS A 141 4.77 27.69 -2.18
C LYS A 141 4.95 26.20 -2.45
N SER A 142 4.36 25.34 -1.61
CA SER A 142 4.38 23.90 -1.87
C SER A 142 3.35 23.54 -2.95
N ALA A 143 3.73 22.70 -3.91
CA ALA A 143 2.80 22.24 -4.95
C ALA A 143 2.04 21.03 -4.42
N ARG A 144 2.52 20.47 -3.32
CA ARG A 144 2.04 19.16 -2.83
C ARG A 144 1.23 19.23 -1.54
N THR A 145 1.31 20.34 -0.80
CA THR A 145 0.83 20.35 0.58
C THR A 145 -0.17 21.43 0.91
N VAL A 146 -1.25 21.04 1.57
CA VAL A 146 -2.30 21.99 1.98
C VAL A 146 -1.89 22.74 3.25
N ASP A 147 -2.31 24.00 3.32
CA ASP A 147 -2.11 24.87 4.48
C ASP A 147 -3.18 24.56 5.53
N LEU A 148 -2.74 24.08 6.71
CA LEU A 148 -3.71 23.65 7.72
C LEU A 148 -4.44 24.83 8.41
N ASP A 149 -3.97 26.05 8.17
CA ASP A 149 -4.68 27.27 8.58
C ASP A 149 -5.83 27.62 7.65
N ASN A 150 -5.86 27.02 6.47
CA ASN A 150 -6.90 27.35 5.50
C ASN A 150 -8.14 26.49 5.75
N GLU A 151 -9.11 27.02 6.49
CA GLU A 151 -10.27 26.23 6.90
C GLU A 151 -11.09 25.66 5.75
N GLN A 152 -11.26 26.45 4.69
CA GLN A 152 -12.00 26.00 3.51
C GLN A 152 -11.31 24.84 2.77
N ALA A 153 -9.99 24.93 2.64
CA ALA A 153 -9.21 23.88 1.95
C ALA A 153 -9.19 22.60 2.80
N VAL A 154 -9.05 22.78 4.11
CA VAL A 154 -9.07 21.63 5.01
C VAL A 154 -10.43 20.93 5.02
N ALA A 155 -11.51 21.71 5.14
CA ALA A 155 -12.86 21.15 5.16
C ALA A 155 -13.14 20.40 3.88
N PHE A 156 -12.71 20.95 2.74
CA PHE A 156 -12.92 20.24 1.48
C PHE A 156 -12.19 18.89 1.46
N THR A 157 -10.93 18.91 1.90
CA THR A 157 -10.08 17.73 1.85
C THR A 157 -10.66 16.66 2.74
N LYS A 158 -11.04 17.02 3.96
CA LYS A 158 -11.69 16.05 4.85
C LYS A 158 -12.96 15.46 4.25
N ALA A 159 -13.78 16.29 3.61
CA ALA A 159 -15.02 15.79 3.03
C ALA A 159 -14.71 14.86 1.83
N LEU A 160 -13.63 15.14 1.13
CA LEU A 160 -13.20 14.25 0.03
C LEU A 160 -12.76 12.90 0.58
N ILE A 161 -11.93 12.90 1.64
CA ILE A 161 -11.56 11.64 2.28
C ILE A 161 -12.80 10.87 2.78
N ASP A 162 -13.76 11.57 3.40
CA ASP A 162 -14.99 10.95 3.86
C ASP A 162 -15.72 10.28 2.69
N LYS A 163 -15.78 10.99 1.56
CA LYS A 163 -16.47 10.46 0.38
C LYS A 163 -15.81 9.14 -0.08
N TYR A 164 -14.49 9.13 -0.15
CA TYR A 164 -13.77 7.90 -0.57
C TYR A 164 -13.93 6.80 0.47
N ALA A 165 -13.79 7.15 1.74
CA ALA A 165 -13.90 6.14 2.82
C ALA A 165 -15.28 5.50 2.83
N ALA A 166 -16.31 6.29 2.52
CA ALA A 166 -17.66 5.74 2.43
C ALA A 166 -17.79 4.69 1.34
N TYR A 167 -17.10 4.91 0.23
CA TYR A 167 -17.08 3.95 -0.87
C TYR A 167 -16.36 2.67 -0.46
N PHE A 168 -15.19 2.83 0.17
CA PHE A 168 -14.38 1.67 0.54
C PHE A 168 -14.92 0.87 1.73
N ALA A 169 -15.86 1.45 2.48
CA ALA A 169 -16.51 0.76 3.60
C ALA A 169 -17.03 -0.60 3.14
N LYS A 170 -16.79 -1.61 3.97
CA LYS A 170 -17.30 -2.98 3.79
C LYS A 170 -16.64 -3.75 2.65
N LYS A 171 -15.89 -3.09 1.78
CA LYS A 171 -15.20 -3.85 0.73
C LYS A 171 -13.68 -3.91 0.95
N THR A 172 -13.20 -3.22 1.97
CA THR A 172 -11.78 -3.20 2.34
C THR A 172 -11.71 -3.14 3.86
N GLU A 173 -10.50 -3.33 4.41
N GLU A 173 -10.53 -3.25 4.46
CA GLU A 173 -10.25 -3.38 5.86
CA GLU A 173 -10.47 -3.15 5.92
C GLU A 173 -9.57 -2.10 6.37
C GLU A 173 -9.52 -2.06 6.44
N ILE A 174 -8.63 -1.58 5.57
CA ILE A 174 -7.69 -0.51 5.98
C ILE A 174 -7.71 0.57 4.93
N PHE A 175 -7.64 1.84 5.37
CA PHE A 175 -7.57 2.99 4.47
C PHE A 175 -6.35 3.79 4.90
N ASN A 176 -5.40 3.98 3.98
CA ASN A 176 -4.15 4.69 4.28
C ASN A 176 -4.40 6.17 3.99
N ILE A 177 -4.36 6.96 5.06
CA ILE A 177 -4.49 8.44 4.95
C ILE A 177 -3.15 9.12 4.63
N GLY A 178 -2.07 8.35 4.68
CA GLY A 178 -0.77 8.83 4.17
C GLY A 178 0.01 9.63 5.20
N LEU A 179 -0.10 10.97 5.13
CA LEU A 179 0.50 11.86 6.12
C LEU A 179 2.01 12.05 6.02
N ASP A 180 2.65 11.50 4.98
CA ASP A 180 4.10 11.58 4.88
C ASP A 180 4.57 12.90 4.31
N GLU A 181 5.76 13.33 4.75
CA GLU A 181 6.55 14.35 4.01
C GLU A 181 5.90 15.69 3.83
N TYR A 182 5.38 16.24 4.93
CA TYR A 182 4.70 17.53 4.89
C TYR A 182 5.56 18.59 4.22
N ALA A 183 5.03 19.22 3.15
CA ALA A 183 5.70 20.37 2.50
C ALA A 183 7.16 20.08 2.13
N ASN A 184 7.44 18.87 1.66
CA ASN A 184 8.82 18.49 1.44
C ASN A 184 9.49 19.32 0.32
N ASP A 185 8.69 19.78 -0.64
CA ASP A 185 9.22 20.59 -1.71
C ASP A 185 9.54 22.01 -1.20
N ALA A 186 8.60 22.62 -0.49
CA ALA A 186 8.77 24.02 -0.08
C ALA A 186 9.79 24.22 1.05
N THR A 187 10.06 23.16 1.83
CA THR A 187 10.95 23.28 2.99
C THR A 187 12.26 22.49 2.86
N ASP A 188 12.55 21.94 1.67
N ASP A 188 12.50 21.95 1.65
CA ASP A 188 13.73 21.08 1.45
CA ASP A 188 13.61 21.07 1.36
C ASP A 188 13.72 19.88 2.40
C ASP A 188 13.70 19.93 2.37
N ALA A 189 12.57 19.21 2.48
CA ALA A 189 12.41 18.04 3.33
C ALA A 189 12.70 18.29 4.80
N LYS A 190 12.20 19.42 5.31
CA LYS A 190 12.33 19.78 6.72
C LYS A 190 10.95 20.17 7.28
N GLY A 191 9.88 19.64 6.69
CA GLY A 191 8.55 20.16 6.98
C GLY A 191 8.08 19.93 8.40
N TRP A 192 8.42 18.79 8.99
CA TRP A 192 8.01 18.50 10.39
C TRP A 192 8.71 19.42 11.35
N SER A 193 10.00 19.64 11.11
CA SER A 193 10.76 20.66 11.87
C SER A 193 10.12 22.03 11.80
N VAL A 194 9.72 22.42 10.60
CA VAL A 194 9.05 23.69 10.39
C VAL A 194 7.74 23.76 11.17
N LEU A 195 6.95 22.67 11.14
CA LEU A 195 5.67 22.69 11.85
C LEU A 195 5.84 22.79 13.37
N GLN A 196 6.93 22.22 13.88
CA GLN A 196 7.21 22.25 15.32
C GLN A 196 7.96 23.50 15.76
N ALA A 197 8.50 24.24 14.80
CA ALA A 197 9.53 25.26 15.12
C ALA A 197 9.05 26.41 15.99
N ASP A 198 7.84 26.89 15.74
CA ASP A 198 7.33 28.06 16.46
C ASP A 198 7.23 27.83 17.96
N LYS A 199 6.91 26.61 18.38
CA LYS A 199 6.86 26.32 19.83
C LYS A 199 8.19 26.65 20.51
N TYR A 200 9.31 26.32 19.85
CA TYR A 200 10.64 26.40 20.44
C TYR A 200 11.43 27.64 20.01
N TYR A 201 11.01 28.23 18.89
CA TYR A 201 11.70 29.38 18.32
C TYR A 201 10.66 30.40 17.91
N PRO A 202 9.96 30.99 18.90
CA PRO A 202 8.88 31.93 18.62
C PRO A 202 9.41 33.25 18.01
N ASN A 203 8.48 34.04 17.47
CA ASN A 203 8.79 35.32 16.80
C ASN A 203 9.87 35.25 15.72
N GLU A 204 9.89 34.13 14.98
CA GLU A 204 10.82 33.97 13.88
C GLU A 204 10.03 33.68 12.60
N GLY A 205 8.71 33.76 12.67
CA GLY A 205 7.85 33.57 11.49
C GLY A 205 7.54 32.13 11.12
N TYR A 206 7.75 31.19 12.04
CA TYR A 206 7.36 29.80 11.78
C TYR A 206 5.85 29.63 11.97
N PRO A 207 5.24 28.61 11.31
CA PRO A 207 3.78 28.47 11.41
C PRO A 207 3.26 28.25 12.82
N VAL A 208 2.40 29.16 13.29
CA VAL A 208 1.91 29.10 14.65
C VAL A 208 0.95 27.91 14.84
N LYS A 209 1.26 27.11 15.86
CA LYS A 209 0.58 25.86 16.18
C LYS A 209 0.57 24.89 15.00
N GLY A 210 1.59 24.96 14.14
CA GLY A 210 1.68 24.09 12.94
C GLY A 210 1.53 22.62 13.24
N TYR A 211 2.38 22.10 14.12
CA TYR A 211 2.34 20.66 14.41
C TYR A 211 1.12 20.26 15.21
N GLU A 212 0.71 21.11 16.15
CA GLU A 212 -0.52 20.87 16.91
C GLU A 212 -1.71 20.73 15.96
N LYS A 213 -1.75 21.61 14.94
CA LYS A 213 -2.85 21.51 13.96
C LYS A 213 -2.73 20.24 13.11
N PHE A 214 -1.50 19.80 12.84
CA PHE A 214 -1.31 18.56 12.10
C PHE A 214 -1.82 17.36 12.91
N ILE A 215 -1.51 17.32 14.20
CA ILE A 215 -2.06 16.25 15.03
C ILE A 215 -3.60 16.24 14.99
N ALA A 216 -4.22 17.43 15.08
CA ALA A 216 -5.67 17.51 15.06
C ALA A 216 -6.21 16.99 13.73
N TYR A 217 -5.54 17.39 12.65
CA TYR A 217 -5.94 16.97 11.29
C TYR A 217 -5.84 15.44 11.14
N ALA A 218 -4.69 14.87 11.51
CA ALA A 218 -4.51 13.41 11.48
C ALA A 218 -5.59 12.70 12.27
N ASN A 219 -5.88 13.20 13.46
CA ASN A 219 -6.84 12.55 14.32
C ASN A 219 -8.26 12.69 13.78
N ASP A 220 -8.55 13.82 13.15
CA ASP A 220 -9.86 13.97 12.50
C ASP A 220 -10.03 13.01 11.31
N LEU A 221 -8.98 12.88 10.49
CA LEU A 221 -9.06 11.88 9.40
C LEU A 221 -9.21 10.47 9.97
N ALA A 222 -8.48 10.16 11.03
CA ALA A 222 -8.65 8.86 11.69
C ALA A 222 -10.08 8.63 12.12
N ARG A 223 -10.69 9.66 12.72
CA ARG A 223 -12.09 9.57 13.19
C ARG A 223 -13.04 9.29 12.01
N ILE A 224 -12.83 10.04 10.93
CA ILE A 224 -13.56 9.86 9.70
C ILE A 224 -13.47 8.42 9.19
N VAL A 225 -12.25 7.92 9.07
CA VAL A 225 -12.04 6.58 8.52
C VAL A 225 -12.68 5.53 9.42
N LYS A 226 -12.46 5.66 10.73
CA LYS A 226 -13.02 4.74 11.69
C LYS A 226 -14.55 4.72 11.68
N SER A 227 -15.14 5.87 11.40
CA SER A 227 -16.61 5.92 11.37
C SER A 227 -17.18 4.98 10.33
N HIS A 228 -16.38 4.65 9.31
CA HIS A 228 -16.80 3.77 8.21
C HIS A 228 -16.36 2.36 8.43
N GLY A 229 -15.93 2.06 9.66
CA GLY A 229 -15.47 0.73 10.04
C GLY A 229 -14.15 0.29 9.43
N LEU A 230 -13.38 1.26 8.92
CA LEU A 230 -12.08 1.00 8.33
C LEU A 230 -11.00 1.32 9.36
N LYS A 231 -9.90 0.59 9.33
N LYS A 231 -9.89 0.62 9.28
CA LYS A 231 -8.75 0.93 10.16
CA LYS A 231 -8.72 0.91 10.12
C LYS A 231 -7.90 1.96 9.41
C LYS A 231 -7.87 1.96 9.41
N PRO A 232 -7.65 3.13 10.04
CA PRO A 232 -6.78 4.11 9.41
C PRO A 232 -5.31 3.69 9.49
N MET A 233 -4.56 3.96 8.43
CA MET A 233 -3.12 3.71 8.42
C MET A 233 -2.43 4.99 7.96
N ALA A 234 -1.18 5.20 8.38
CA ALA A 234 -0.42 6.37 7.95
C ALA A 234 1.06 6.06 7.95
N PHE A 235 1.82 6.75 7.10
CA PHE A 235 3.28 6.60 7.08
C PHE A 235 3.86 7.23 8.34
N ASN A 236 5.05 6.75 8.75
CA ASN A 236 5.51 7.06 10.11
C ASN A 236 6.15 8.44 10.35
N ASP A 237 6.67 9.07 9.31
CA ASP A 237 7.69 10.12 9.50
C ASP A 237 7.19 11.32 10.29
N GLY A 238 5.93 11.70 10.11
CA GLY A 238 5.39 12.81 10.92
C GLY A 238 4.73 12.47 12.23
N ILE A 239 4.73 11.20 12.61
N ILE A 239 4.77 11.19 12.62
CA ILE A 239 4.05 10.79 13.84
CA ILE A 239 4.11 10.73 13.83
C ILE A 239 5.04 10.84 14.99
C ILE A 239 5.08 10.84 15.00
N TYR A 240 4.80 11.74 15.95
CA TYR A 240 5.80 12.07 17.00
C TYR A 240 7.19 12.37 16.40
N TYR A 241 7.20 13.23 15.39
CA TYR A 241 8.45 13.68 14.79
C TYR A 241 9.38 14.24 15.90
N ASN A 242 10.66 13.86 15.80
CA ASN A 242 11.70 14.24 16.77
C ASN A 242 11.38 13.66 18.16
N SER A 243 10.60 12.57 18.17
CA SER A 243 10.14 11.91 19.40
C SER A 243 9.42 12.86 20.34
N ASP A 244 8.81 13.90 19.78
CA ASP A 244 8.21 14.95 20.58
C ASP A 244 6.75 14.61 20.86
N THR A 245 6.44 14.33 22.14
CA THR A 245 5.08 13.99 22.53
C THR A 245 4.36 15.18 23.17
N SER A 246 5.02 16.33 23.20
CA SER A 246 4.53 17.49 23.92
C SER A 246 3.49 18.32 23.16
N PHE A 247 3.25 18.02 21.89
CA PHE A 247 2.26 18.79 21.13
C PHE A 247 0.85 18.21 21.19
N GLY A 248 0.73 16.97 21.65
CA GLY A 248 -0.54 16.25 21.61
C GLY A 248 -0.29 14.78 21.29
N SER A 249 -1.37 14.01 21.21
CA SER A 249 -1.25 12.57 20.97
C SER A 249 -2.00 12.18 19.74
N PHE A 250 -1.40 11.28 18.97
CA PHE A 250 -2.05 10.65 17.83
C PHE A 250 -2.99 9.53 18.24
N ASP A 251 -4.12 9.42 17.53
CA ASP A 251 -5.08 8.31 17.70
C ASP A 251 -4.35 6.96 17.60
N LYS A 252 -4.42 6.14 18.66
CA LYS A 252 -3.73 4.85 18.70
C LYS A 252 -4.23 3.89 17.64
N ASP A 253 -5.43 4.12 17.12
CA ASP A 253 -6.01 3.23 16.14
C ASP A 253 -5.39 3.41 14.75
N ILE A 254 -4.55 4.44 14.58
CA ILE A 254 -3.79 4.59 13.35
C ILE A 254 -2.70 3.53 13.29
N ILE A 255 -2.82 2.62 12.34
CA ILE A 255 -1.72 1.68 12.02
C ILE A 255 -0.58 2.49 11.39
N VAL A 256 0.64 2.23 11.83
CA VAL A 256 1.81 2.96 11.29
C VAL A 256 2.50 2.13 10.22
N SER A 257 2.58 2.68 9.01
CA SER A 257 3.38 2.08 7.92
C SER A 257 4.77 2.65 8.15
N MET A 258 5.65 1.85 8.76
CA MET A 258 7.01 2.27 9.09
C MET A 258 7.91 2.06 7.91
N TRP A 259 8.20 3.15 7.21
CA TRP A 259 8.94 3.07 5.94
C TRP A 259 10.32 3.66 6.07
N THR A 260 10.50 4.60 7.00
CA THR A 260 11.83 5.27 7.13
C THR A 260 12.32 5.29 8.55
N GLY A 261 13.63 5.11 8.68
CA GLY A 261 14.30 5.37 9.94
C GLY A 261 14.85 6.79 10.00
N GLY A 262 14.51 7.62 9.03
CA GLY A 262 14.97 9.02 8.99
C GLY A 262 16.39 9.12 8.46
N TRP A 263 16.96 10.32 8.51
CA TRP A 263 18.28 10.58 7.92
C TRP A 263 18.85 11.81 8.58
N GLY A 264 20.00 12.29 8.11
CA GLY A 264 20.62 13.46 8.78
C GLY A 264 19.71 14.67 8.82
N GLY A 265 19.38 15.14 10.02
CA GLY A 265 18.51 16.33 10.16
C GLY A 265 17.03 16.03 10.03
N TYR A 266 16.69 14.76 9.92
CA TYR A 266 15.31 14.33 9.77
C TYR A 266 15.08 13.19 10.76
N ASP A 267 14.75 13.59 12.00
CA ASP A 267 14.82 12.72 13.16
C ASP A 267 13.43 12.20 13.49
N VAL A 268 13.12 11.00 13.00
CA VAL A 268 11.78 10.47 13.20
C VAL A 268 11.69 9.72 14.53
N ALA A 269 10.47 9.52 15.01
CA ALA A 269 10.23 8.65 16.17
C ALA A 269 10.73 7.24 15.86
N SER A 270 11.35 6.57 16.83
CA SER A 270 11.65 5.15 16.63
C SER A 270 10.38 4.31 16.56
N SER A 271 10.47 3.16 15.91
CA SER A 271 9.39 2.18 15.96
C SER A 271 9.14 1.69 17.39
N LYS A 272 10.16 1.73 18.23
CA LYS A 272 10.01 1.43 19.66
C LYS A 272 9.02 2.39 20.32
N LEU A 273 9.23 3.70 20.13
N LEU A 273 9.24 3.69 20.14
CA LEU A 273 8.35 4.74 20.68
CA LEU A 273 8.34 4.69 20.69
C LEU A 273 6.93 4.62 20.15
C LEU A 273 6.92 4.43 20.19
N LEU A 274 6.78 4.28 18.87
CA LEU A 274 5.45 4.16 18.29
C LEU A 274 4.72 2.95 18.84
N ALA A 275 5.42 1.83 18.97
CA ALA A 275 4.81 0.63 19.56
C ALA A 275 4.40 0.91 21.02
N GLU A 276 5.30 1.55 21.77
CA GLU A 276 5.01 1.89 23.18
C GLU A 276 3.82 2.81 23.35
N LYS A 277 3.60 3.69 22.39
CA LYS A 277 2.45 4.57 22.40
C LYS A 277 1.13 3.85 22.06
N GLY A 278 1.24 2.64 21.53
CA GLY A 278 0.11 1.75 21.34
C GLY A 278 -0.29 1.57 19.89
N HIS A 279 0.61 1.91 18.96
CA HIS A 279 0.36 1.71 17.50
C HIS A 279 0.81 0.38 17.03
N GLN A 280 -0.06 -0.28 16.26
CA GLN A 280 0.33 -1.42 15.42
C GLN A 280 1.18 -0.92 14.24
N ILE A 281 2.12 -1.78 13.82
CA ILE A 281 3.12 -1.42 12.82
C ILE A 281 3.10 -2.38 11.64
N LEU A 282 2.94 -1.82 10.43
CA LEU A 282 3.19 -2.54 9.17
C LEU A 282 4.60 -2.19 8.70
N ASN A 283 5.47 -3.18 8.64
CA ASN A 283 6.87 -2.91 8.24
C ASN A 283 6.92 -2.61 6.75
N THR A 284 7.30 -1.38 6.40
CA THR A 284 7.27 -0.90 5.00
C THR A 284 8.67 -0.40 4.68
N ASN A 285 9.65 -1.13 5.21
CA ASN A 285 11.06 -0.74 5.12
C ASN A 285 11.47 -0.27 3.72
N ASP A 286 12.00 0.96 3.63
CA ASP A 286 12.43 1.48 2.33
C ASP A 286 13.67 0.76 1.79
N ALA A 287 14.22 -0.17 2.57
CA ALA A 287 15.28 -1.04 2.06
C ALA A 287 14.80 -1.71 0.78
N TRP A 288 13.48 -1.94 0.68
CA TRP A 288 12.93 -2.74 -0.40
C TRP A 288 12.28 -1.93 -1.50
N TYR A 289 12.38 -0.61 -1.41
CA TYR A 289 11.75 0.24 -2.41
C TYR A 289 12.31 0.09 -3.81
N TYR A 290 11.43 0.26 -4.80
CA TYR A 290 11.82 0.32 -6.22
C TYR A 290 11.10 1.48 -6.87
N VAL A 291 11.86 2.40 -7.45
CA VAL A 291 11.27 3.49 -8.25
C VAL A 291 11.32 3.13 -9.74
N LEU A 292 10.16 3.06 -10.39
CA LEU A 292 10.09 2.69 -11.81
C LEU A 292 11.07 3.46 -12.67
N GLY A 293 11.74 2.73 -13.56
CA GLY A 293 12.70 3.34 -14.48
C GLY A 293 14.12 3.36 -13.93
N ARG A 294 14.27 3.25 -12.62
CA ARG A 294 15.63 3.17 -12.04
C ARG A 294 15.90 1.68 -11.93
N ASN A 295 16.48 1.14 -12.99
CA ASN A 295 16.40 -0.29 -13.21
C ASN A 295 17.69 -1.08 -12.96
N ALA A 296 18.75 -0.40 -12.60
CA ALA A 296 20.02 -1.07 -12.33
C ALA A 296 20.89 -0.21 -11.43
N ASP A 297 21.95 -0.81 -10.90
CA ASP A 297 22.89 -0.06 -10.07
C ASP A 297 23.36 1.22 -10.79
N GLY A 298 23.48 2.29 -10.02
CA GLY A 298 23.91 3.59 -10.55
C GLY A 298 22.79 4.47 -11.11
N GLN A 299 21.58 3.90 -11.30
CA GLN A 299 20.48 4.66 -11.90
C GLN A 299 19.67 5.49 -10.89
N GLY A 300 20.12 5.53 -9.65
CA GLY A 300 19.58 6.46 -8.67
C GLY A 300 19.06 5.76 -7.43
N TRP A 301 18.50 6.54 -6.50
CA TRP A 301 18.07 5.98 -5.24
C TRP A 301 16.83 5.14 -5.45
N TYR A 302 16.77 4.03 -4.73
CA TYR A 302 15.70 3.02 -4.84
C TYR A 302 15.66 2.42 -6.24
N ASN A 303 16.84 2.25 -6.84
CA ASN A 303 16.93 1.48 -8.09
C ASN A 303 16.69 -0.01 -7.83
N LEU A 304 16.37 -0.73 -8.90
CA LEU A 304 15.94 -2.12 -8.74
C LEU A 304 17.01 -2.96 -8.08
N ASP A 305 18.28 -2.73 -8.45
CA ASP A 305 19.35 -3.55 -7.86
C ASP A 305 19.50 -3.23 -6.35
N GLN A 306 19.36 -1.96 -5.99
CA GLN A 306 19.38 -1.56 -4.57
C GLN A 306 18.23 -2.25 -3.84
N GLY A 307 17.03 -2.26 -4.43
CA GLY A 307 15.87 -2.87 -3.77
C GLY A 307 16.03 -4.38 -3.62
N LEU A 308 16.58 -5.03 -4.63
CA LEU A 308 16.83 -6.46 -4.56
C LEU A 308 17.89 -6.77 -3.49
N ASN A 309 18.91 -5.89 -3.39
CA ASN A 309 19.87 -6.02 -2.29
C ASN A 309 19.21 -5.82 -0.95
N GLY A 310 18.32 -4.83 -0.84
CA GLY A 310 17.60 -4.57 0.42
C GLY A 310 16.78 -5.79 0.85
N ILE A 311 16.13 -6.41 -0.14
CA ILE A 311 15.32 -7.62 0.12
C ILE A 311 16.23 -8.78 0.60
N LYS A 312 17.41 -8.91 0.01
CA LYS A 312 18.31 -10.01 0.37
C LYS A 312 18.85 -9.84 1.78
N ASN A 313 19.08 -8.59 2.16
CA ASN A 313 19.80 -8.26 3.39
C ASN A 313 18.97 -7.79 4.57
N THR A 314 17.71 -7.43 4.33
CA THR A 314 16.85 -6.88 5.38
C THR A 314 15.57 -7.70 5.44
N PRO A 315 15.48 -8.63 6.40
CA PRO A 315 14.28 -9.49 6.41
C PRO A 315 12.98 -8.76 6.76
N ILE A 316 11.87 -9.43 6.49
CA ILE A 316 10.53 -8.85 6.72
C ILE A 316 10.33 -8.47 8.20
N THR A 317 11.13 -9.04 9.10
CA THR A 317 11.01 -8.74 10.52
C THR A 317 11.87 -7.55 10.97
N SER A 318 12.70 -7.02 10.08
N SER A 318 12.73 -7.03 10.09
CA SER A 318 13.62 -5.92 10.41
CA SER A 318 13.64 -5.92 10.44
C SER A 318 12.95 -4.58 10.15
C SER A 318 12.95 -4.58 10.16
N VAL A 319 12.46 -3.93 11.22
CA VAL A 319 11.70 -2.69 11.13
C VAL A 319 12.66 -1.49 11.21
N PRO A 320 12.38 -0.39 10.48
CA PRO A 320 13.25 0.77 10.67
C PRO A 320 13.29 1.28 12.12
N LYS A 321 14.49 1.73 12.51
CA LYS A 321 14.72 2.45 13.78
C LYS A 321 14.12 1.79 15.03
N THR A 322 14.61 0.60 15.35
CA THR A 322 14.04 -0.13 16.49
C THR A 322 14.63 0.24 17.85
N GLU A 323 15.73 1.01 17.85
N GLU A 323 15.72 1.02 17.79
CA GLU A 323 16.50 1.28 19.08
CA GLU A 323 16.62 1.27 18.94
C GLU A 323 17.04 0.00 19.73
C GLU A 323 16.87 -0.01 19.73
N GLY A 324 17.04 -1.09 18.98
CA GLY A 324 17.42 -2.41 19.52
C GLY A 324 16.29 -3.18 20.17
N ALA A 325 15.08 -2.62 20.19
CA ALA A 325 13.92 -3.29 20.78
C ALA A 325 13.34 -4.34 19.84
N ASP A 326 12.58 -5.26 20.42
CA ASP A 326 11.84 -6.26 19.66
C ASP A 326 10.51 -5.64 19.24
N ILE A 327 10.36 -5.38 17.95
CA ILE A 327 9.19 -4.65 17.47
C ILE A 327 8.26 -5.64 16.77
N PRO A 328 7.04 -5.82 17.32
CA PRO A 328 6.15 -6.75 16.65
C PRO A 328 5.61 -6.07 15.38
N ILE A 329 5.12 -6.89 14.45
CA ILE A 329 4.63 -6.33 13.18
C ILE A 329 3.34 -7.01 12.81
N ILE A 330 2.51 -6.31 12.05
CA ILE A 330 1.30 -6.95 11.52
C ILE A 330 1.59 -7.59 10.16
N GLY A 331 2.78 -7.34 9.63
CA GLY A 331 3.17 -7.84 8.31
C GLY A 331 4.19 -6.92 7.67
N GLY A 332 4.46 -7.15 6.39
CA GLY A 332 5.50 -6.43 5.67
C GLY A 332 4.98 -5.99 4.34
N MET A 333 5.50 -4.88 3.83
CA MET A 333 5.01 -4.32 2.57
C MET A 333 6.19 -3.87 1.71
N VAL A 334 6.29 -4.45 0.51
CA VAL A 334 7.31 -4.05 -0.46
C VAL A 334 6.66 -3.04 -1.41
N ALA A 335 7.31 -1.90 -1.65
CA ALA A 335 6.65 -0.81 -2.40
C ALA A 335 7.37 -0.38 -3.67
N ALA A 336 6.58 -0.27 -4.74
CA ALA A 336 7.04 0.27 -6.03
C ALA A 336 6.41 1.64 -6.25
N TRP A 337 7.24 2.58 -6.69
CA TRP A 337 6.86 3.99 -6.76
C TRP A 337 7.10 4.53 -8.12
N ALA A 338 6.37 5.61 -8.46
CA ALA A 338 6.48 6.20 -9.78
C ALA A 338 6.86 7.67 -9.73
N ASP A 339 7.86 7.98 -8.90
CA ASP A 339 8.38 9.35 -8.75
C ASP A 339 8.58 10.07 -10.09
N THR A 340 9.03 9.34 -11.11
CA THR A 340 9.12 9.88 -12.47
C THR A 340 8.05 9.12 -13.26
N PRO A 341 6.83 9.67 -13.32
CA PRO A 341 5.70 8.84 -13.76
C PRO A 341 5.72 8.59 -15.25
N SER A 342 6.57 9.32 -15.99
CA SER A 342 6.78 9.06 -17.42
C SER A 342 7.66 7.82 -17.66
N ALA A 343 8.30 7.30 -16.61
CA ALA A 343 9.05 6.06 -16.73
C ALA A 343 8.16 4.95 -17.22
N ARG A 344 8.77 4.05 -17.99
N ARG A 344 8.72 4.06 -18.03
CA ARG A 344 8.12 2.83 -18.43
CA ARG A 344 7.93 2.92 -18.51
C ARG A 344 7.85 1.92 -17.25
C ARG A 344 7.83 1.85 -17.45
N TYR A 345 6.59 1.51 -17.11
CA TYR A 345 6.29 0.42 -16.20
C TYR A 345 6.65 -0.92 -16.83
N SER A 346 7.52 -1.67 -16.13
CA SER A 346 7.96 -3.00 -16.54
C SER A 346 7.40 -4.04 -15.60
N PRO A 347 6.38 -4.78 -16.05
CA PRO A 347 5.81 -5.84 -15.23
C PRO A 347 6.87 -6.85 -14.76
N SER A 348 7.75 -7.28 -15.67
CA SER A 348 8.75 -8.27 -15.29
C SER A 348 9.66 -7.82 -14.14
N ARG A 349 10.05 -6.54 -14.14
CA ARG A 349 10.89 -6.01 -13.08
C ARG A 349 10.14 -5.93 -11.76
N LEU A 350 8.90 -5.45 -11.81
CA LEU A 350 8.05 -5.46 -10.61
C LEU A 350 7.86 -6.88 -10.09
N PHE A 351 7.61 -7.85 -11.00
CA PHE A 351 7.38 -9.22 -10.54
C PHE A 351 8.66 -9.83 -9.96
N LYS A 352 9.82 -9.41 -10.49
CA LYS A 352 11.10 -9.87 -9.92
C LYS A 352 11.23 -9.37 -8.48
N LEU A 353 10.94 -8.09 -8.27
CA LEU A 353 10.98 -7.54 -6.92
C LEU A 353 10.05 -8.32 -6.00
N MET A 354 8.81 -8.53 -6.46
CA MET A 354 7.82 -9.24 -5.66
C MET A 354 8.25 -10.67 -5.35
N ARG A 355 8.82 -11.35 -6.35
CA ARG A 355 9.24 -12.74 -6.20
C ARG A 355 10.39 -12.83 -5.20
N HIS A 356 11.33 -11.89 -5.27
CA HIS A 356 12.47 -11.88 -4.38
C HIS A 356 12.07 -11.65 -2.94
N PHE A 357 11.10 -10.76 -2.71
CA PHE A 357 10.61 -10.48 -1.35
C PHE A 357 9.94 -11.74 -0.77
N ALA A 358 9.16 -12.43 -1.59
CA ALA A 358 8.55 -13.69 -1.18
C ALA A 358 9.59 -14.78 -0.87
N ASN A 359 10.58 -14.94 -1.74
CA ASN A 359 11.59 -15.99 -1.59
C ASN A 359 12.50 -15.71 -0.38
N ALA A 360 12.82 -14.45 -0.15
CA ALA A 360 13.74 -14.08 0.93
C ALA A 360 13.08 -14.30 2.31
N ASN A 361 11.75 -14.32 2.35
CA ASN A 361 10.98 -14.47 3.59
C ASN A 361 9.98 -15.62 3.43
N ALA A 362 10.44 -16.71 2.83
CA ALA A 362 9.52 -17.75 2.34
C ALA A 362 8.62 -18.39 3.39
N GLU A 363 9.08 -18.44 4.64
N GLU A 363 9.11 -18.42 4.64
CA GLU A 363 8.23 -19.00 5.70
CA GLU A 363 8.35 -18.94 5.75
C GLU A 363 6.99 -18.15 5.99
C GLU A 363 7.07 -18.13 6.06
N TYR A 364 7.02 -16.88 5.59
CA TYR A 364 5.90 -15.94 5.81
C TYR A 364 4.86 -15.99 4.71
N PHE A 365 5.27 -16.44 3.53
CA PHE A 365 4.43 -16.37 2.31
C PHE A 365 3.69 -17.67 2.09
N ALA A 366 2.43 -17.59 1.64
CA ALA A 366 1.65 -18.81 1.43
C ALA A 366 2.19 -19.60 0.26
N ALA A 367 2.12 -20.92 0.35
CA ALA A 367 2.50 -21.78 -0.76
C ALA A 367 1.45 -21.64 -1.86
N ASP A 368 1.74 -22.21 -3.01
CA ASP A 368 0.84 -22.18 -4.17
C ASP A 368 0.25 -23.56 -4.36
N TYR A 369 -1.08 -23.64 -4.24
CA TYR A 369 -1.81 -24.90 -4.41
C TYR A 369 -2.54 -24.97 -5.75
N GLU A 370 -2.42 -23.94 -6.58
CA GLU A 370 -3.18 -23.90 -7.83
C GLU A 370 -2.88 -25.06 -8.78
N SER A 371 -1.60 -25.41 -8.91
CA SER A 371 -1.25 -26.53 -9.79
C SER A 371 -1.67 -27.86 -9.20
N ALA A 372 -1.69 -27.95 -7.86
CA ALA A 372 -2.23 -29.16 -7.23
C ALA A 372 -3.72 -29.36 -7.52
N GLU A 373 -4.48 -28.27 -7.42
N GLU A 373 -4.50 -28.29 -7.42
CA GLU A 373 -5.90 -28.24 -7.76
CA GLU A 373 -5.92 -28.36 -7.75
C GLU A 373 -6.13 -28.69 -9.21
C GLU A 373 -6.13 -28.71 -9.24
N GLN A 374 -5.34 -28.11 -10.12
CA GLN A 374 -5.44 -28.45 -11.55
C GLN A 374 -5.10 -29.92 -11.79
N ALA A 375 -4.07 -30.42 -11.09
CA ALA A 375 -3.67 -31.81 -11.28
C ALA A 375 -4.79 -32.76 -10.87
N LEU A 376 -5.47 -32.42 -9.78
CA LEU A 376 -6.60 -33.23 -9.33
C LEU A 376 -7.73 -33.18 -10.38
N ASN A 377 -7.93 -32.00 -10.96
CA ASN A 377 -8.95 -31.88 -12.03
C ASN A 377 -8.63 -32.69 -13.28
N GLU A 378 -7.35 -33.02 -13.49
CA GLU A 378 -6.92 -33.73 -14.70
C GLU A 378 -6.87 -35.25 -14.56
N VAL A 379 -7.15 -35.74 -13.35
CA VAL A 379 -7.21 -37.18 -13.08
C VAL A 379 -8.41 -37.77 -13.85
N PRO A 380 -8.21 -38.91 -14.55
CA PRO A 380 -9.38 -39.52 -15.18
C PRO A 380 -10.41 -39.89 -14.11
N LYS A 381 -11.67 -39.53 -14.35
CA LYS A 381 -12.70 -39.68 -13.33
C LYS A 381 -13.06 -41.15 -13.08
N ASP A 382 -13.07 -41.95 -14.16
CA ASP A 382 -13.53 -43.35 -14.11
C ASP A 382 -12.33 -44.26 -14.29
N LEU A 383 -12.03 -45.06 -13.27
CA LEU A 383 -10.85 -45.92 -13.28
C LEU A 383 -11.16 -47.42 -13.49
N ASN A 384 -12.43 -47.77 -13.70
CA ASN A 384 -12.82 -49.17 -13.78
C ASN A 384 -12.03 -50.03 -14.78
N ARG A 385 -11.68 -49.43 -15.92
CA ARG A 385 -11.01 -50.17 -17.01
C ARG A 385 -9.53 -50.47 -16.75
N TYR A 386 -9.01 -50.00 -15.63
CA TYR A 386 -7.59 -50.19 -15.29
C TYR A 386 -7.38 -51.26 -14.22
N THR A 387 -6.16 -51.82 -14.15
CA THR A 387 -5.88 -52.86 -13.19
C THR A 387 -6.03 -52.38 -11.74
N ALA A 388 -6.48 -53.27 -10.85
CA ALA A 388 -6.64 -52.90 -9.44
C ALA A 388 -5.39 -52.27 -8.83
N GLU A 389 -4.24 -52.85 -9.16
N GLU A 389 -4.22 -52.85 -9.14
CA GLU A 389 -2.98 -52.41 -8.61
CA GLU A 389 -2.96 -52.35 -8.60
C GLU A 389 -2.66 -50.95 -9.06
C GLU A 389 -2.70 -50.90 -9.04
N SER A 390 -2.87 -50.65 -10.33
CA SER A 390 -2.58 -49.30 -10.87
C SER A 390 -3.61 -48.26 -10.37
N VAL A 391 -4.85 -48.71 -10.19
CA VAL A 391 -5.91 -47.86 -9.63
C VAL A 391 -5.59 -47.47 -8.19
N THR A 392 -5.21 -48.46 -7.37
CA THR A 392 -4.91 -48.18 -5.98
C THR A 392 -3.84 -47.10 -5.88
N ALA A 393 -2.82 -47.19 -6.75
CA ALA A 393 -1.73 -46.21 -6.75
C ALA A 393 -2.21 -44.78 -7.00
N VAL A 394 -3.11 -44.64 -7.96
CA VAL A 394 -3.67 -43.33 -8.28
C VAL A 394 -4.49 -42.82 -7.08
N LYS A 395 -5.33 -43.68 -6.51
CA LYS A 395 -6.15 -43.27 -5.37
C LYS A 395 -5.28 -42.83 -4.18
N GLU A 396 -4.17 -43.55 -3.94
CA GLU A 396 -3.28 -43.18 -2.83
C GLU A 396 -2.57 -41.83 -3.11
N ALA A 397 -2.19 -41.62 -4.37
CA ALA A 397 -1.54 -40.35 -4.75
C ALA A 397 -2.52 -39.19 -4.67
N GLU A 398 -3.78 -39.42 -5.07
CA GLU A 398 -4.81 -38.39 -4.88
C GLU A 398 -5.00 -38.08 -3.40
N LYS A 399 -5.12 -39.11 -2.58
CA LYS A 399 -5.24 -38.93 -1.14
C LYS A 399 -4.09 -38.13 -0.57
N ALA A 400 -2.88 -38.40 -1.04
CA ALA A 400 -1.70 -37.67 -0.59
C ALA A 400 -1.82 -36.16 -0.86
N ILE A 401 -2.25 -35.78 -2.06
CA ILE A 401 -2.48 -34.37 -2.33
C ILE A 401 -3.59 -33.79 -1.45
N ARG A 402 -4.72 -34.49 -1.35
CA ARG A 402 -5.81 -33.96 -0.52
C ARG A 402 -5.46 -33.88 0.97
N SER A 403 -4.44 -34.63 1.39
CA SER A 403 -3.96 -34.66 2.78
C SER A 403 -2.92 -33.60 3.09
N LEU A 404 -2.40 -32.93 2.07
CA LEU A 404 -1.40 -31.88 2.33
C LEU A 404 -1.97 -30.87 3.34
N ASP A 405 -1.13 -30.44 4.28
CA ASP A 405 -1.46 -29.29 5.12
C ASP A 405 -1.95 -28.15 4.21
N SER A 406 -3.09 -27.53 4.52
CA SER A 406 -3.61 -26.43 3.70
C SER A 406 -2.98 -25.06 4.03
N ASN A 407 -2.06 -25.07 4.99
N ASN A 407 -2.07 -25.01 5.00
CA ASN A 407 -1.36 -23.86 5.48
CA ASN A 407 -1.43 -23.75 5.35
C ASN A 407 0.15 -23.99 5.37
C ASN A 407 0.10 -23.87 5.31
N LEU A 408 0.62 -24.42 4.21
CA LEU A 408 2.06 -24.53 3.99
C LEU A 408 2.57 -23.19 3.49
N SER A 409 3.84 -22.94 3.74
CA SER A 409 4.46 -21.73 3.26
C SER A 409 5.20 -22.00 1.98
N ARG A 410 5.62 -20.91 1.37
CA ARG A 410 6.45 -20.97 0.20
C ARG A 410 7.74 -21.81 0.43
N ALA A 411 8.26 -21.80 1.65
CA ALA A 411 9.42 -22.61 2.03
C ALA A 411 9.18 -24.10 1.84
N GLN A 412 7.90 -24.50 1.86
CA GLN A 412 7.55 -25.91 1.74
C GLN A 412 6.92 -26.28 0.41
N GLN A 413 7.15 -25.45 -0.60
CA GLN A 413 6.51 -25.69 -1.89
C GLN A 413 6.88 -27.04 -2.46
N ASP A 414 8.12 -27.49 -2.20
CA ASP A 414 8.58 -28.74 -2.79
C ASP A 414 7.70 -29.90 -2.36
N THR A 415 7.12 -29.84 -1.16
CA THR A 415 6.24 -30.91 -0.67
C THR A 415 5.01 -31.04 -1.57
N ILE A 416 4.44 -29.89 -1.93
CA ILE A 416 3.32 -29.85 -2.85
C ILE A 416 3.74 -30.35 -4.22
N ASP A 417 4.87 -29.84 -4.73
CA ASP A 417 5.29 -30.18 -6.08
C ASP A 417 5.61 -31.64 -6.23
N GLN A 418 6.23 -32.24 -5.20
CA GLN A 418 6.51 -33.68 -5.21
C GLN A 418 5.21 -34.49 -5.24
N ALA A 419 4.21 -34.05 -4.48
CA ALA A 419 2.91 -34.75 -4.46
C ALA A 419 2.21 -34.71 -5.84
N ILE A 420 2.32 -33.58 -6.54
CA ILE A 420 1.78 -33.47 -7.91
C ILE A 420 2.50 -34.42 -8.84
N ALA A 421 3.83 -34.45 -8.73
CA ALA A 421 4.62 -35.30 -9.62
C ALA A 421 4.27 -36.76 -9.39
N LYS A 422 4.05 -37.14 -8.14
CA LYS A 422 3.68 -38.53 -7.81
C LYS A 422 2.32 -38.87 -8.43
N LEU A 423 1.34 -37.96 -8.30
CA LEU A 423 0.03 -38.22 -8.90
C LEU A 423 0.18 -38.40 -10.41
N GLN A 424 0.94 -37.50 -11.05
CA GLN A 424 1.12 -37.58 -12.50
C GLN A 424 1.76 -38.92 -12.93
N GLU A 425 2.74 -39.37 -12.15
CA GLU A 425 3.41 -40.65 -12.39
C GLU A 425 2.42 -41.79 -12.29
N THR A 426 1.60 -41.77 -11.24
CA THR A 426 0.67 -42.90 -11.05
C THR A 426 -0.37 -42.91 -12.16
N VAL A 427 -0.83 -41.74 -12.56
CA VAL A 427 -1.77 -41.69 -13.69
C VAL A 427 -1.14 -42.24 -14.96
N ASN A 428 0.10 -41.85 -15.26
N ASN A 428 0.10 -41.84 -15.22
CA ASN A 428 0.73 -42.36 -16.47
CA ASN A 428 0.85 -42.32 -16.38
C ASN A 428 0.98 -43.87 -16.40
C ASN A 428 1.02 -43.83 -16.38
N ASN A 429 1.02 -44.42 -15.18
CA ASN A 429 1.21 -45.86 -14.99
C ASN A 429 -0.09 -46.66 -14.95
N LEU A 430 -1.23 -45.99 -15.13
CA LEU A 430 -2.50 -46.73 -15.20
C LEU A 430 -2.42 -47.72 -16.35
N THR A 431 -2.81 -48.97 -16.09
CA THR A 431 -2.67 -50.05 -17.06
C THR A 431 -4.01 -50.67 -17.34
N LEU A 432 -4.39 -50.71 -18.61
CA LEU A 432 -5.67 -51.30 -19.01
C LEU A 432 -5.71 -52.77 -18.65
N THR A 433 -6.81 -53.22 -18.04
CA THR A 433 -7.00 -54.64 -17.77
C THR A 433 -7.01 -55.42 -19.07
C2 LOG B . 8.04 8.99 -0.56
C3 LOG B . 7.31 8.37 -1.81
C4 LOG B . 8.32 8.16 -2.91
C5 LOG B . 9.29 7.12 -2.37
C6 LOG B . 10.36 6.66 -3.38
C7 LOG B . 7.18 7.42 1.13
C8 LOG B . 6.19 7.17 2.30
N2 LOG B . 7.21 8.67 0.63
O1 LOG B . 11.69 9.14 0.26
O3 LOG B . 6.29 9.30 -2.25
O4 LOG B . 7.64 7.68 -4.11
O5 LOG B . 10.00 7.64 -1.20
O6 LOG B . 11.16 7.78 -3.82
C1 LOG B . 9.45 8.63 -0.46
O7 LOG B . 7.85 6.52 0.62
N1 LOG B . 10.26 9.41 0.26
C2 LOG C . -13.21 -14.03 -10.84
C3 LOG C . -13.91 -15.36 -10.51
C4 LOG C . -13.02 -16.55 -10.89
C5 LOG C . -11.63 -16.39 -10.25
C6 LOG C . -10.67 -17.53 -10.63
C7 LOG C . -14.11 -11.72 -10.88
C8 LOG C . -14.90 -10.64 -10.14
N2 LOG C . -13.97 -12.90 -10.24
O1 LOG C . -10.01 -13.23 -9.29
O3 LOG C . -15.16 -15.43 -11.22
O4 LOG C . -13.64 -17.78 -10.42
O5 LOG C . -11.07 -15.15 -10.73
O6 LOG C . -9.40 -17.32 -9.95
C1 LOG C . -11.85 -14.08 -10.39
O7 LOG C . -13.64 -11.49 -12.01
N1 LOG C . -11.37 -13.08 -9.68
C13 P15 D . 16.47 30.13 14.17
O6 P15 D . 15.82 31.11 13.34
C12 P15 D . 16.52 31.35 12.11
C11 P15 D . 15.65 32.22 11.19
O5 P15 D . 15.60 31.67 9.86
C10 P15 D . 14.29 31.66 9.25
C9 P15 D . 14.34 31.21 7.79
O4 P15 D . 14.68 29.82 7.71
C8 P15 D . 14.76 29.31 6.37
C7 P15 D . 15.55 27.99 6.36
O3 P15 D . 14.81 26.89 6.89
C6 P15 D . 15.62 25.78 7.26
C5 P15 D . 14.77 24.68 7.91
O2 P15 D . 14.32 25.15 9.18
C4 P15 D . 13.66 24.16 9.97
C3 P15 D . 13.16 24.81 11.25
O1 P15 D . 14.29 25.29 12.01
C2 P15 D . 13.91 25.91 13.23
C1 P15 D . 15.15 26.36 13.98
OXT P15 D . 15.93 25.20 14.27
MG MG E . 1.04 22.47 -10.97
C1 EDO F . -7.83 11.57 20.70
O1 EDO F . -6.41 11.45 20.70
C2 EDO F . -8.32 12.01 19.32
O2 EDO F . -8.17 10.92 18.39
C1 EDO G . 12.11 14.56 22.51
O1 EDO G . 12.61 13.82 23.64
C2 EDO G . 11.45 15.84 23.00
O2 EDO G . 12.09 16.94 22.37
C1 EDO H . 7.29 15.30 -12.30
O1 EDO H . 7.13 15.94 -11.03
C2 EDO H . 5.98 14.61 -12.66
O2 EDO H . 5.49 15.14 -13.89
C1 EDO I . 5.62 -20.55 13.88
O1 EDO I . 5.38 -19.23 13.37
C2 EDO I . 6.14 -21.44 12.76
O2 EDO I . 5.57 -21.05 11.51
MG MG J . -13.49 -33.11 -12.39
C1 EDO K . -20.47 -33.37 -13.01
O1 EDO K . -19.31 -32.99 -12.26
C2 EDO K . -20.13 -33.38 -14.49
O2 EDO K . -20.48 -34.64 -15.05
#